data_2HOJ
#
_entry.id   2HOJ
#
_cell.length_a   64.700
_cell.length_b   64.700
_cell.length_c   101.900
_cell.angle_alpha   90.00
_cell.angle_beta   90.00
_cell.angle_gamma   120.00
#
_symmetry.space_group_name_H-M   'P 32 1 2'
#
loop_
_entity.id
_entity.type
_entity.pdbx_description
1 polymer 'thi-box riboswitch'
2 non-polymer 'MANGANESE (II) ION'
3 non-polymer 'MAGNESIUM ION'
4 non-polymer 'THIAMINE DIPHOSPHATE'
5 water water
#
_entity_poly.entity_id   1
_entity_poly.type   'polyribonucleotide'
_entity_poly.pdbx_seq_one_letter_code
;GCGACUCGGGGUGCCCUUCUGCGUGAAGGCUGAGAAAUACCCGUAUCACCUGAUCUGGAUAAUGCCAGCGUAGGGAAGUC
GC(A23)
;
_entity_poly.pdbx_strand_id   A
#
loop_
_chem_comp.id
_chem_comp.type
_chem_comp.name
_chem_comp.formula
A RNA linking ADENOSINE-5'-MONOPHOSPHATE 'C10 H14 N5 O7 P'
A23 RNA linking 'ADENOSINE-5'-PHOSPHATE-2',3'-CYCLIC PHOSPHATE' 'C10 H13 N5 O9 P2'
C RNA linking CYTIDINE-5'-MONOPHOSPHATE 'C9 H14 N3 O8 P'
G RNA linking GUANOSINE-5'-MONOPHOSPHATE 'C10 H14 N5 O8 P'
MG non-polymer 'MAGNESIUM ION' 'Mg 2'
MN non-polymer 'MANGANESE (II) ION' 'Mn 2'
TPP non-polymer 'THIAMINE DIPHOSPHATE' 'C12 H19 N4 O7 P2 S 1'
U RNA linking URIDINE-5'-MONOPHOSPHATE 'C9 H13 N2 O9 P'
#
# COMPACT_ATOMS: atom_id res chain seq x y z
PC A23 A 83 10.07 15.90 -23.89
O1C A23 A 83 8.93 15.91 -24.81
O2C A23 A 83 11.17 16.87 -24.14
P A23 A 83 7.52 12.98 -18.86
OP1 A23 A 83 6.46 13.98 -18.59
OP2 A23 A 83 7.48 12.18 -20.10
O5' A23 A 83 8.95 13.70 -18.77
C5' A23 A 83 9.07 15.09 -19.10
C4' A23 A 83 9.77 15.24 -20.43
O4' A23 A 83 11.18 14.95 -20.27
C3' A23 A 83 9.34 14.81 -21.76
O3' A23 A 83 9.50 16.08 -22.43
C2' A23 A 83 10.51 14.00 -22.32
O2' A23 A 83 10.68 14.43 -23.70
C1' A23 A 83 11.65 14.23 -21.40
N9 A23 A 83 12.12 12.94 -20.92
C8 A23 A 83 11.63 12.22 -19.85
N7 A23 A 83 12.29 11.11 -19.62
C5 A23 A 83 13.27 11.09 -20.59
C6 A23 A 83 14.30 10.16 -20.87
N6 A23 A 83 14.51 9.05 -20.17
N1 A23 A 83 15.11 10.43 -21.91
C2 A23 A 83 14.90 11.55 -22.62
N3 A23 A 83 13.97 12.50 -22.45
C4 A23 A 83 13.17 12.20 -21.41
MN MN B . -13.09 -5.56 13.82
MN MN C . -11.45 -1.46 17.31
MN MN D . -17.00 -10.60 26.87
MN MN E . -5.31 -6.10 5.95
MN MN F . -3.02 -17.26 4.86
MN MN G . -10.65 8.84 13.40
MN MN H . 5.08 -22.85 14.10
MN MN I . -14.75 -29.31 13.28
MN MN J . -18.98 -15.15 21.65
MN MN K . 7.03 10.67 -21.73
MN MN L . -4.68 -2.12 28.20
MN MN M . -22.92 -21.24 19.65
MG MG N . -0.55 -23.30 8.72
MG MG O . -5.67 -14.27 17.33
N1' TPP P . -1.19 -9.02 13.08
C2' TPP P . -0.61 -9.85 12.23
CM2 TPP P . 0.89 -9.91 12.19
N3' TPP P . -1.30 -10.62 11.42
C4' TPP P . -2.64 -10.59 11.43
N4' TPP P . -3.36 -11.40 10.58
C5' TPP P . -3.28 -9.73 12.32
C6' TPP P . -2.51 -8.94 13.14
C7' TPP P . -4.79 -9.66 12.36
N3 TPP P . -5.20 -8.60 13.28
C2 TPP P . -5.31 -8.88 14.56
S1 TPP P . -5.81 -7.35 15.22
C5 TPP P . -5.85 -6.43 13.68
C4 TPP P . -5.46 -7.40 12.81
CM4 TPP P . -5.34 -7.10 11.34
C6 TPP P . -6.20 -4.99 13.43
C7 TPP P . -7.51 -4.66 14.15
O7 TPP P . -8.40 -5.78 14.09
PA TPP P . -9.82 -5.27 14.63
O1A TPP P . -10.05 -5.79 16.00
O2A TPP P . -10.99 -5.83 13.66
O3A TPP P . -9.86 -3.66 14.65
PB TPP P . -11.38 -3.23 14.39
O1B TPP P . -12.33 -4.29 14.99
O2B TPP P . -11.66 -1.80 15.09
O3B TPP P . -11.64 -3.11 12.87
#